data_3WSU
#
_entry.id   3WSU
#
_cell.length_a   65.864
_cell.length_b   100.846
_cell.length_c   105.244
_cell.angle_alpha   90.000
_cell.angle_beta   90.000
_cell.angle_gamma   90.000
#
_symmetry.space_group_name_H-M   'P 21 21 21'
#
loop_
_entity.id
_entity.type
_entity.pdbx_description
1 polymer Beta-mannanase
2 non-polymer 'SODIUM ION'
3 non-polymer GLYCEROL
4 water water
#
_entity_poly.entity_id   1
_entity_poly.type   'polypeptide(L)'
_entity_poly.pdbx_seq_one_letter_code
;GSSHHHHHHSSGLVPRGSHMRTAPPGSAGQPPDAAVTGLHVQGGRLLEGNGNDFVMRGVNHAHTWYPGQTRSLADIKALG
ANTVRVVLSDGHRWTRNGPADVAAVIDRCKANRLICVLEVHDTTGYGEEPAAGTLDHAADYWISLMDVLAGQEDYVIVNI
GNEPWGNTDPAGWTAPTIAAVKKLRAAGLAHTLMIDAPNWGQDWQGVMRADARSVYEADPTGNLLFSIHMYSVFDTAAEI
DDYLEAFVDAGLPLVIGEFGGPPDQWGDPDEDTMLAAAERLRLGYLAWSWSGNTDPVLDLAIGFDPDRLSGWGQRVFHGV
HGIGETSREATVFGKLAALEHHHHHH
;
_entity_poly.pdbx_strand_id   A,B
#
loop_
_chem_comp.id
_chem_comp.type
_chem_comp.name
_chem_comp.formula
GOL non-polymer GLYCEROL 'C3 H8 O3'
NA non-polymer 'SODIUM ION' 'Na 1'
#
# COMPACT_ATOMS: atom_id res chain seq x y z
N GLY A 38 -3.24 -5.37 9.57
CA GLY A 38 -3.68 -3.99 9.29
C GLY A 38 -3.80 -3.08 10.52
N LEU A 39 -4.28 -1.85 10.33
CA LEU A 39 -4.61 -0.98 11.48
C LEU A 39 -5.69 -1.69 12.29
N HIS A 40 -5.50 -1.72 13.61
CA HIS A 40 -6.43 -2.43 14.47
C HIS A 40 -6.40 -1.85 15.87
N VAL A 41 -7.32 -2.31 16.70
CA VAL A 41 -7.46 -1.78 18.05
C VAL A 41 -7.13 -2.85 19.07
N GLN A 42 -6.37 -2.49 20.09
CA GLN A 42 -6.05 -3.43 21.15
C GLN A 42 -5.77 -2.64 22.41
N GLY A 43 -6.35 -3.04 23.54
CA GLY A 43 -6.12 -2.33 24.78
C GLY A 43 -6.47 -0.84 24.70
N GLY A 44 -7.51 -0.53 23.93
CA GLY A 44 -7.96 0.84 23.77
C GLY A 44 -7.07 1.74 22.93
N ARG A 45 -6.08 1.15 22.25
CA ARG A 45 -5.15 1.89 21.42
C ARG A 45 -5.28 1.52 19.94
N LEU A 46 -5.03 2.49 19.06
CA LEU A 46 -4.95 2.20 17.64
C LEU A 46 -3.53 1.76 17.34
N LEU A 47 -3.39 0.55 16.81
CA LEU A 47 -2.10 -0.03 16.49
C LEU A 47 -1.95 -0.30 15.00
N GLU A 48 -0.72 -0.14 14.50
CA GLU A 48 -0.41 -0.60 13.16
C GLU A 48 -0.25 -2.11 13.17
N GLY A 49 -0.17 -2.71 11.98
CA GLY A 49 -0.11 -4.15 11.87
C GLY A 49 1.08 -4.72 12.65
N ASN A 50 2.15 -3.93 12.70
CA ASN A 50 3.37 -4.32 13.39
C ASN A 50 3.30 -4.15 14.91
N GLY A 51 2.14 -3.66 15.39
CA GLY A 51 1.91 -3.49 16.81
C GLY A 51 2.28 -2.12 17.37
N ASN A 52 2.85 -1.24 16.54
CA ASN A 52 3.26 0.08 17.01
C ASN A 52 2.05 1.00 17.20
N ASP A 53 2.06 1.74 18.31
CA ASP A 53 0.98 2.63 18.67
C ASP A 53 0.95 3.80 17.69
N PHE A 54 -0.21 4.10 17.14
CA PHE A 54 -0.35 5.22 16.20
C PHE A 54 -1.33 6.28 16.70
N VAL A 55 -0.85 7.52 16.82
CA VAL A 55 -1.67 8.61 17.34
C VAL A 55 -1.85 9.64 16.25
N MET A 56 -3.07 9.78 15.75
CA MET A 56 -3.33 10.69 14.64
C MET A 56 -3.03 12.13 15.02
N ARG A 57 -2.31 12.82 14.14
CA ARG A 57 -2.04 14.25 14.28
C ARG A 57 -2.21 14.83 12.88
N GLY A 58 -3.40 15.33 12.57
CA GLY A 58 -3.69 15.66 11.18
C GLY A 58 -4.83 16.65 11.00
N VAL A 59 -5.36 16.69 9.77
CA VAL A 59 -6.42 17.62 9.45
C VAL A 59 -7.42 16.97 8.50
N ASN A 60 -8.58 17.62 8.40
CA ASN A 60 -9.60 17.28 7.44
C ASN A 60 -9.37 18.04 6.15
N HIS A 61 -9.59 17.35 5.04
CA HIS A 61 -9.56 17.99 3.71
C HIS A 61 -10.83 17.67 2.93
N ALA A 62 -11.48 18.73 2.44
CA ALA A 62 -12.79 18.65 1.80
C ALA A 62 -12.70 18.21 0.34
N HIS A 63 -12.22 16.99 0.13
CA HIS A 63 -11.94 16.47 -1.20
C HIS A 63 -13.14 16.54 -2.13
N THR A 64 -14.30 16.14 -1.63
CA THR A 64 -15.46 15.96 -2.51
C THR A 64 -15.91 17.29 -3.13
N TRP A 65 -15.67 18.40 -2.44
CA TRP A 65 -16.07 19.70 -2.98
C TRP A 65 -14.92 20.41 -3.69
N TYR A 66 -13.72 19.87 -3.54
CA TYR A 66 -12.53 20.48 -4.16
C TYR A 66 -11.65 19.45 -4.90
N PRO A 67 -12.21 18.82 -5.95
CA PRO A 67 -11.44 17.84 -6.72
C PRO A 67 -10.20 18.44 -7.41
N GLY A 68 -10.15 19.76 -7.56
CA GLY A 68 -9.02 20.41 -8.21
C GLY A 68 -7.85 20.71 -7.27
N GLN A 69 -8.06 20.54 -5.97
CA GLN A 69 -7.02 20.89 -5.00
C GLN A 69 -6.24 19.65 -4.61
N THR A 70 -5.62 19.04 -5.62
CA THR A 70 -4.93 17.78 -5.43
C THR A 70 -3.70 17.92 -4.58
N ARG A 71 -3.05 19.08 -4.67
CA ARG A 71 -1.81 19.32 -3.95
C ARG A 71 -2.00 19.37 -2.43
N SER A 72 -3.24 19.40 -1.97
CA SER A 72 -3.52 19.57 -0.54
C SER A 72 -2.86 18.50 0.32
N LEU A 73 -2.92 17.25 -0.12
CA LEU A 73 -2.33 16.18 0.67
C LEU A 73 -0.82 16.33 0.85
N ALA A 74 -0.12 16.62 -0.23
CA ALA A 74 1.31 16.86 -0.14
C ALA A 74 1.59 18.04 0.80
N ASP A 75 0.78 19.10 0.70
CA ASP A 75 0.99 20.28 1.50
C ASP A 75 0.79 19.99 3.00
N ILE A 76 -0.26 19.22 3.28
CA ILE A 76 -0.62 18.82 4.64
C ILE A 76 0.52 17.96 5.23
N LYS A 77 1.03 17.02 4.45
CA LYS A 77 2.18 16.23 4.89
C LYS A 77 3.42 17.10 5.18
N ALA A 78 3.68 18.07 4.30
CA ALA A 78 4.86 18.90 4.42
C ALA A 78 4.84 19.72 5.73
N LEU A 79 3.64 20.03 6.21
CA LEU A 79 3.52 20.75 7.48
C LEU A 79 3.56 19.82 8.69
N GLY A 80 3.67 18.51 8.46
CA GLY A 80 3.92 17.60 9.56
C GLY A 80 2.84 16.59 9.90
N ALA A 81 1.68 16.70 9.25
CA ALA A 81 0.56 15.82 9.56
C ALA A 81 0.92 14.37 9.25
N ASN A 82 0.39 13.46 10.04
CA ASN A 82 0.56 12.02 9.77
C ASN A 82 -0.70 11.33 9.26
N THR A 83 -1.81 12.06 9.24
CA THR A 83 -3.13 11.53 8.91
C THR A 83 -3.94 12.62 8.23
N VAL A 84 -4.76 12.25 7.26
CA VAL A 84 -5.75 13.18 6.74
C VAL A 84 -7.12 12.49 6.73
N ARG A 85 -8.15 13.22 7.13
CA ARG A 85 -9.53 12.76 7.02
C ARG A 85 -10.08 13.37 5.75
N VAL A 86 -10.48 12.50 4.83
CA VAL A 86 -10.87 12.92 3.49
C VAL A 86 -12.39 12.90 3.34
N VAL A 87 -12.94 14.06 2.99
CA VAL A 87 -14.38 14.17 2.84
C VAL A 87 -14.83 13.56 1.51
N LEU A 88 -15.62 12.50 1.60
CA LEU A 88 -16.24 11.89 0.42
C LEU A 88 -17.74 12.12 0.45
N SER A 89 -18.36 11.91 -0.70
CA SER A 89 -19.81 11.84 -0.77
C SER A 89 -20.28 10.48 -1.31
N ASP A 90 -21.35 9.96 -0.74
CA ASP A 90 -21.98 8.74 -1.23
C ASP A 90 -23.04 9.01 -2.29
N GLY A 91 -23.18 10.26 -2.67
CA GLY A 91 -24.14 10.62 -3.70
C GLY A 91 -25.54 10.94 -3.20
N HIS A 92 -25.79 10.78 -1.90
CA HIS A 92 -27.15 11.06 -1.42
C HIS A 92 -27.45 12.55 -1.49
N ARG A 93 -26.52 13.37 -1.00
CA ARG A 93 -26.70 14.81 -0.95
C ARG A 93 -25.79 15.51 -1.95
N TRP A 94 -24.54 15.09 -2.00
CA TRP A 94 -23.57 15.69 -2.91
C TRP A 94 -23.23 14.73 -4.05
N THR A 95 -22.10 14.94 -4.74
CA THR A 95 -21.78 14.13 -5.92
C THR A 95 -20.92 12.95 -5.53
N ARG A 96 -21.41 11.75 -5.82
N ARG A 96 -21.40 11.74 -5.83
CA ARG A 96 -20.74 10.53 -5.37
CA ARG A 96 -20.74 10.51 -5.41
C ARG A 96 -19.30 10.44 -5.86
C ARG A 96 -19.30 10.44 -5.87
N ASN A 97 -18.39 10.13 -4.94
CA ASN A 97 -17.02 9.80 -5.29
C ASN A 97 -16.95 8.33 -5.67
N GLY A 98 -16.77 8.07 -6.95
CA GLY A 98 -16.77 6.72 -7.47
C GLY A 98 -15.51 5.96 -7.09
N PRO A 99 -15.49 4.65 -7.35
CA PRO A 99 -14.36 3.78 -7.00
C PRO A 99 -13.01 4.25 -7.55
N ALA A 100 -12.93 4.67 -8.81
CA ALA A 100 -11.65 5.13 -9.35
C ALA A 100 -11.14 6.36 -8.60
N ASP A 101 -12.04 7.27 -8.29
CA ASP A 101 -11.61 8.45 -7.55
C ASP A 101 -11.14 8.08 -6.15
N VAL A 102 -11.86 7.20 -5.48
CA VAL A 102 -11.45 6.77 -4.14
C VAL A 102 -10.12 6.01 -4.16
N ALA A 103 -9.95 5.14 -5.15
CA ALA A 103 -8.68 4.45 -5.31
C ALA A 103 -7.57 5.48 -5.45
N ALA A 104 -7.81 6.53 -6.23
CA ALA A 104 -6.80 7.58 -6.42
C ALA A 104 -6.49 8.35 -5.14
N VAL A 105 -7.52 8.64 -4.35
CA VAL A 105 -7.33 9.33 -3.08
C VAL A 105 -6.49 8.49 -2.15
N ILE A 106 -6.80 7.19 -2.08
CA ILE A 106 -6.03 6.28 -1.23
C ILE A 106 -4.58 6.24 -1.69
N ASP A 107 -4.38 6.10 -3.00
CA ASP A 107 -3.02 6.08 -3.54
C ASP A 107 -2.25 7.36 -3.22
N ARG A 108 -2.93 8.50 -3.33
CA ARG A 108 -2.32 9.80 -3.06
C ARG A 108 -1.94 9.96 -1.58
N CYS A 109 -2.77 9.44 -0.68
CA CYS A 109 -2.44 9.43 0.73
C CYS A 109 -1.16 8.61 0.97
N LYS A 110 -1.12 7.42 0.37
CA LYS A 110 0.06 6.56 0.50
C LYS A 110 1.31 7.25 -0.08
N ALA A 111 1.15 7.89 -1.23
CA ALA A 111 2.28 8.59 -1.87
C ALA A 111 2.84 9.69 -0.97
N ASN A 112 2.00 10.24 -0.10
CA ASN A 112 2.42 11.28 0.82
C ASN A 112 2.60 10.79 2.24
N ARG A 113 2.71 9.48 2.39
CA ARG A 113 3.01 8.86 3.70
C ARG A 113 2.06 9.34 4.79
N LEU A 114 0.78 9.38 4.43
CA LEU A 114 -0.30 9.75 5.31
C LEU A 114 -1.23 8.57 5.52
N ILE A 115 -1.68 8.37 6.77
CA ILE A 115 -2.80 7.50 7.04
C ILE A 115 -4.08 8.23 6.59
N CYS A 116 -5.04 7.46 6.11
CA CYS A 116 -6.19 8.00 5.40
C CYS A 116 -7.46 7.63 6.14
N VAL A 117 -8.19 8.62 6.66
CA VAL A 117 -9.51 8.34 7.20
C VAL A 117 -10.52 8.79 6.15
N LEU A 118 -11.24 7.84 5.54
CA LEU A 118 -12.29 8.19 4.58
C LEU A 118 -13.61 8.36 5.31
N GLU A 119 -14.40 9.37 4.94
CA GLU A 119 -15.68 9.55 5.59
C GLU A 119 -16.76 9.97 4.60
N VAL A 120 -17.98 9.49 4.80
CA VAL A 120 -19.15 9.90 3.99
C VAL A 120 -19.86 11.08 4.66
N HIS A 121 -19.86 12.23 3.99
CA HIS A 121 -20.37 13.45 4.62
C HIS A 121 -21.89 13.55 4.57
N ASP A 122 -22.51 12.77 3.70
CA ASP A 122 -23.92 13.00 3.39
C ASP A 122 -24.85 12.75 4.57
N THR A 123 -24.39 11.99 5.57
CA THR A 123 -25.19 11.69 6.75
C THR A 123 -25.36 12.87 7.72
N THR A 124 -24.62 13.94 7.49
CA THR A 124 -24.51 15.04 8.48
C THR A 124 -25.87 15.59 8.92
N GLY A 125 -26.14 15.52 10.23
CA GLY A 125 -27.30 16.16 10.82
C GLY A 125 -28.63 15.46 10.59
N TYR A 126 -28.60 14.18 10.25
CA TYR A 126 -29.83 13.44 10.01
C TYR A 126 -30.92 13.64 11.08
N GLY A 127 -32.14 13.90 10.61
CA GLY A 127 -33.30 14.15 11.46
C GLY A 127 -33.57 15.64 11.60
N GLU A 128 -32.54 16.44 11.33
CA GLU A 128 -32.64 17.90 11.43
C GLU A 128 -32.27 18.61 10.12
N GLU A 129 -31.22 18.14 9.45
CA GLU A 129 -30.89 18.61 8.11
C GLU A 129 -31.71 17.79 7.12
N PRO A 130 -32.61 18.46 6.37
CA PRO A 130 -33.54 17.71 5.51
C PRO A 130 -32.82 16.87 4.46
N ALA A 131 -31.70 17.36 3.97
CA ALA A 131 -31.00 16.71 2.86
C ALA A 131 -30.16 15.49 3.30
N ALA A 132 -30.08 15.24 4.60
CA ALA A 132 -29.19 14.20 5.11
C ALA A 132 -29.56 12.79 4.71
N GLY A 133 -28.53 11.98 4.49
CA GLY A 133 -28.71 10.56 4.19
C GLY A 133 -28.58 9.69 5.42
N THR A 134 -28.91 8.42 5.24
CA THR A 134 -28.88 7.45 6.34
C THR A 134 -27.56 6.71 6.41
N LEU A 135 -27.28 6.13 7.58
CA LEU A 135 -26.10 5.31 7.76
C LEU A 135 -26.17 4.04 6.93
N ASP A 136 -27.38 3.56 6.65
CA ASP A 136 -27.51 2.36 5.84
C ASP A 136 -27.13 2.70 4.40
N HIS A 137 -27.57 3.86 3.91
CA HIS A 137 -27.16 4.30 2.58
C HIS A 137 -25.63 4.41 2.48
N ALA A 138 -25.02 5.01 3.51
CA ALA A 138 -23.57 5.11 3.56
C ALA A 138 -22.95 3.72 3.54
N ALA A 139 -23.53 2.79 4.31
CA ALA A 139 -23.01 1.43 4.36
C ALA A 139 -22.99 0.76 2.98
N ASP A 140 -24.07 0.93 2.21
CA ASP A 140 -24.14 0.36 0.86
C ASP A 140 -23.03 0.97 -0.01
N TYR A 141 -22.75 2.25 0.19
CA TYR A 141 -21.65 2.91 -0.52
C TYR A 141 -20.29 2.29 -0.17
N TRP A 142 -20.00 2.10 1.11
CA TRP A 142 -18.75 1.48 1.52
C TRP A 142 -18.58 0.08 0.93
N ILE A 143 -19.67 -0.68 0.96
CA ILE A 143 -19.67 -2.03 0.37
C ILE A 143 -19.34 -1.97 -1.12
N SER A 144 -19.84 -0.95 -1.81
CA SER A 144 -19.54 -0.77 -3.23
C SER A 144 -18.07 -0.45 -3.50
N LEU A 145 -17.39 0.07 -2.49
CA LEU A 145 -15.98 0.45 -2.59
C LEU A 145 -15.04 -0.68 -2.16
N MET A 146 -15.58 -1.84 -1.82
CA MET A 146 -14.75 -2.88 -1.21
C MET A 146 -13.59 -3.31 -2.09
N ASP A 147 -13.81 -3.32 -3.40
CA ASP A 147 -12.75 -3.70 -4.32
C ASP A 147 -11.57 -2.72 -4.28
N VAL A 148 -11.84 -1.43 -4.10
CA VAL A 148 -10.73 -0.48 -4.03
C VAL A 148 -10.17 -0.32 -2.61
N LEU A 149 -10.96 -0.68 -1.60
CA LEU A 149 -10.48 -0.69 -0.20
C LEU A 149 -9.61 -1.92 0.08
N ALA A 150 -9.77 -2.96 -0.73
CA ALA A 150 -9.12 -4.23 -0.47
C ALA A 150 -7.62 -4.07 -0.50
N GLY A 151 -6.95 -4.62 0.51
CA GLY A 151 -5.50 -4.58 0.58
C GLY A 151 -4.96 -3.29 1.16
N GLN A 152 -5.85 -2.40 1.59
CA GLN A 152 -5.42 -1.10 2.11
C GLN A 152 -5.65 -0.94 3.62
N GLU A 153 -5.87 -2.06 4.31
CA GLU A 153 -6.15 -2.03 5.76
C GLU A 153 -5.01 -1.40 6.60
N ASP A 154 -3.79 -1.40 6.06
CA ASP A 154 -2.66 -0.74 6.74
C ASP A 154 -2.75 0.76 6.69
N TYR A 155 -3.58 1.29 5.80
CA TYR A 155 -3.55 2.71 5.48
C TYR A 155 -4.86 3.43 5.64
N VAL A 156 -5.96 2.70 5.55
CA VAL A 156 -7.26 3.34 5.43
C VAL A 156 -8.20 2.93 6.55
N ILE A 157 -8.80 3.93 7.19
CA ILE A 157 -9.83 3.73 8.20
C ILE A 157 -11.17 4.25 7.65
N VAL A 158 -12.24 3.49 7.89
CA VAL A 158 -13.55 3.80 7.32
C VAL A 158 -14.44 4.44 8.37
N ASN A 159 -14.70 5.74 8.21
CA ASN A 159 -15.53 6.50 9.14
C ASN A 159 -16.92 6.51 8.51
N ILE A 160 -17.82 5.72 9.10
CA ILE A 160 -19.03 5.29 8.38
C ILE A 160 -19.86 6.45 7.84
N GLY A 161 -20.17 7.41 8.71
CA GLY A 161 -20.86 8.62 8.29
C GLY A 161 -20.50 9.78 9.20
N ASN A 162 -20.26 10.95 8.60
CA ASN A 162 -20.01 12.16 9.37
C ASN A 162 -21.23 12.57 10.19
N GLU A 163 -20.98 12.87 11.47
CA GLU A 163 -21.98 13.53 12.34
C GLU A 163 -23.40 13.08 12.01
N PRO A 164 -23.67 11.76 12.10
CA PRO A 164 -24.80 11.24 11.33
C PRO A 164 -26.17 11.39 11.98
N TRP A 165 -26.27 12.32 12.93
CA TRP A 165 -27.54 12.64 13.56
C TRP A 165 -27.46 14.06 14.06
N GLY A 166 -28.54 14.81 13.87
CA GLY A 166 -28.66 16.16 14.41
C GLY A 166 -29.05 16.18 15.88
N ASN A 167 -29.77 17.22 16.28
CA ASN A 167 -30.14 17.40 17.69
C ASN A 167 -31.52 16.84 18.07
N THR A 168 -32.27 16.39 17.07
CA THR A 168 -33.59 15.84 17.33
C THR A 168 -33.52 14.33 17.59
N ASP A 169 -33.98 13.92 18.77
CA ASP A 169 -34.01 12.51 19.16
C ASP A 169 -32.67 11.80 18.97
N PRO A 170 -31.60 12.31 19.60
CA PRO A 170 -30.28 11.70 19.38
C PRO A 170 -30.19 10.25 19.90
N ALA A 171 -31.11 9.81 20.75
CA ALA A 171 -31.13 8.40 21.18
C ALA A 171 -31.40 7.49 19.99
N GLY A 172 -31.98 8.03 18.93
CA GLY A 172 -32.26 7.26 17.72
C GLY A 172 -31.01 6.90 16.94
N TRP A 173 -29.88 7.47 17.34
CA TRP A 173 -28.62 7.25 16.63
C TRP A 173 -28.05 5.83 16.82
N THR A 174 -28.34 5.23 17.96
CA THR A 174 -27.63 4.01 18.34
C THR A 174 -27.97 2.80 17.47
N ALA A 175 -29.26 2.54 17.28
CA ALA A 175 -29.68 1.39 16.49
C ALA A 175 -29.12 1.40 15.06
N PRO A 176 -29.29 2.51 14.30
CA PRO A 176 -28.73 2.44 12.94
C PRO A 176 -27.21 2.42 12.91
N THR A 177 -26.55 3.00 13.91
CA THR A 177 -25.11 2.90 14.02
C THR A 177 -24.67 1.43 14.22
N ILE A 178 -25.29 0.76 15.18
CA ILE A 178 -25.00 -0.65 15.39
C ILE A 178 -25.30 -1.46 14.13
N ALA A 179 -26.44 -1.22 13.50
CA ALA A 179 -26.78 -1.94 12.28
C ALA A 179 -25.75 -1.74 11.16
N ALA A 180 -25.27 -0.52 10.98
CA ALA A 180 -24.25 -0.25 9.96
C ALA A 180 -22.93 -0.99 10.23
N VAL A 181 -22.47 -0.96 11.49
CA VAL A 181 -21.29 -1.72 11.89
C VAL A 181 -21.42 -3.21 11.54
N LYS A 182 -22.51 -3.82 11.98
CA LYS A 182 -22.76 -5.24 11.69
C LYS A 182 -22.85 -5.53 10.20
N LYS A 183 -23.51 -4.65 9.47
CA LYS A 183 -23.65 -4.80 8.02
C LYS A 183 -22.29 -4.80 7.30
N LEU A 184 -21.43 -3.83 7.64
CA LEU A 184 -20.11 -3.77 7.03
C LEU A 184 -19.25 -4.98 7.39
N ARG A 185 -19.31 -5.42 8.65
CA ARG A 185 -18.55 -6.62 9.02
C ARG A 185 -19.09 -7.86 8.33
N ALA A 186 -20.42 -7.97 8.22
CA ALA A 186 -21.01 -9.13 7.55
C ALA A 186 -20.60 -9.17 6.08
N ALA A 187 -20.39 -7.98 5.49
CA ALA A 187 -19.97 -7.89 4.09
C ALA A 187 -18.50 -8.26 3.88
N GLY A 188 -17.73 -8.35 4.97
CA GLY A 188 -16.33 -8.74 4.86
C GLY A 188 -15.31 -7.62 4.99
N LEU A 189 -15.76 -6.42 5.33
CA LEU A 189 -14.84 -5.30 5.47
C LEU A 189 -13.99 -5.51 6.71
N ALA A 190 -12.66 -5.46 6.55
CA ALA A 190 -11.75 -5.71 7.65
C ALA A 190 -11.14 -4.45 8.25
N HIS A 191 -11.26 -3.32 7.56
CA HIS A 191 -10.61 -2.09 8.00
C HIS A 191 -11.08 -1.63 9.38
N THR A 192 -10.21 -0.96 10.12
CA THR A 192 -10.66 -0.31 11.33
C THR A 192 -11.75 0.70 10.99
N LEU A 193 -12.84 0.67 11.75
CA LEU A 193 -13.95 1.60 11.56
C LEU A 193 -13.86 2.79 12.50
N MET A 194 -14.46 3.90 12.11
CA MET A 194 -14.57 5.04 12.99
C MET A 194 -16.03 5.48 13.03
N ILE A 195 -16.50 5.76 14.25
CA ILE A 195 -17.90 6.05 14.53
C ILE A 195 -18.07 7.50 15.02
N ASP A 196 -18.88 8.31 14.32
CA ASP A 196 -19.22 9.66 14.79
C ASP A 196 -20.50 9.68 15.65
N ALA A 197 -20.61 10.71 16.49
CA ALA A 197 -21.70 10.89 17.44
C ALA A 197 -22.91 11.66 16.87
N PRO A 198 -24.06 11.57 17.55
CA PRO A 198 -25.24 12.40 17.27
C PRO A 198 -25.05 13.81 17.83
N ASN A 199 -26.09 14.64 17.81
CA ASN A 199 -25.95 16.07 18.10
C ASN A 199 -24.85 16.72 17.25
N TRP A 200 -24.88 16.44 15.96
CA TRP A 200 -23.91 16.96 14.99
C TRP A 200 -22.46 16.65 15.35
N GLY A 201 -22.21 15.44 15.85
CA GLY A 201 -20.88 15.03 16.21
C GLY A 201 -20.38 15.49 17.57
N GLN A 202 -21.05 16.43 18.22
CA GLN A 202 -20.56 16.94 19.50
C GLN A 202 -21.11 16.17 20.70
N ASP A 203 -22.10 15.30 20.46
CA ASP A 203 -22.60 14.39 21.50
C ASP A 203 -23.03 15.09 22.79
N TRP A 204 -23.65 16.25 22.67
CA TRP A 204 -23.86 17.01 23.89
C TRP A 204 -24.96 16.45 24.80
N GLN A 205 -25.80 15.56 24.27
CA GLN A 205 -26.71 14.81 25.13
C GLN A 205 -26.09 13.53 25.70
N GLY A 206 -24.85 13.24 25.30
CA GLY A 206 -24.08 12.13 25.86
C GLY A 206 -24.50 10.75 25.38
N VAL A 207 -25.22 10.68 24.25
CA VAL A 207 -25.71 9.38 23.77
C VAL A 207 -24.58 8.45 23.35
N MET A 208 -23.62 8.95 22.58
CA MET A 208 -22.51 8.08 22.16
C MET A 208 -21.69 7.66 23.38
N ARG A 209 -21.46 8.59 24.28
CA ARG A 209 -20.70 8.32 25.51
C ARG A 209 -21.39 7.22 26.32
N ALA A 210 -22.72 7.28 26.41
CA ALA A 210 -23.45 6.30 27.18
C ALA A 210 -23.55 4.93 26.48
N ASP A 211 -23.69 4.94 25.16
CA ASP A 211 -23.98 3.73 24.40
C ASP A 211 -22.76 3.13 23.73
N ALA A 212 -21.59 3.72 23.99
CA ALA A 212 -20.36 3.31 23.29
C ALA A 212 -20.02 1.83 23.46
N ARG A 213 -20.15 1.32 24.69
CA ARG A 213 -19.81 -0.08 24.94
C ARG A 213 -20.64 -0.98 24.03
N SER A 214 -21.94 -0.69 23.92
CA SER A 214 -22.81 -1.51 23.09
C SER A 214 -22.43 -1.38 21.61
N VAL A 215 -22.01 -0.19 21.19
CA VAL A 215 -21.60 -0.01 19.81
C VAL A 215 -20.30 -0.78 19.55
N TYR A 216 -19.38 -0.68 20.50
CA TYR A 216 -18.10 -1.34 20.37
C TYR A 216 -18.29 -2.85 20.24
N GLU A 217 -19.16 -3.41 21.08
CA GLU A 217 -19.41 -4.84 21.10
C GLU A 217 -20.06 -5.35 19.82
N ALA A 218 -20.66 -4.44 19.05
CA ALA A 218 -21.31 -4.81 17.79
C ALA A 218 -20.30 -5.17 16.71
N ASP A 219 -19.05 -4.75 16.91
CA ASP A 219 -17.98 -5.11 16.00
C ASP A 219 -17.26 -6.37 16.48
N PRO A 220 -17.51 -7.52 15.84
CA PRO A 220 -16.90 -8.79 16.26
C PRO A 220 -15.37 -8.74 16.27
N THR A 221 -14.79 -7.86 15.47
CA THR A 221 -13.34 -7.78 15.37
C THR A 221 -12.73 -6.86 16.43
N GLY A 222 -13.55 -6.06 17.09
CA GLY A 222 -13.03 -5.07 18.01
C GLY A 222 -12.29 -3.90 17.39
N ASN A 223 -12.24 -3.83 16.05
CA ASN A 223 -11.42 -2.81 15.41
C ASN A 223 -12.25 -1.59 15.05
N LEU A 224 -12.63 -0.87 16.10
CA LEU A 224 -13.55 0.24 15.95
C LEU A 224 -13.10 1.38 16.84
N LEU A 225 -13.10 2.61 16.29
CA LEU A 225 -12.72 3.83 17.01
C LEU A 225 -13.94 4.73 17.14
N PHE A 226 -14.09 5.37 18.29
CA PHE A 226 -15.07 6.43 18.40
C PHE A 226 -14.42 7.76 18.06
N SER A 227 -15.22 8.67 17.54
CA SER A 227 -14.72 9.99 17.23
C SER A 227 -15.67 11.06 17.75
N ILE A 228 -15.10 12.00 18.54
CA ILE A 228 -15.84 13.16 19.02
C ILE A 228 -15.48 14.38 18.18
N HIS A 229 -16.44 15.22 17.84
CA HIS A 229 -16.13 16.49 17.18
C HIS A 229 -16.29 17.59 18.22
N MET A 230 -15.22 18.34 18.47
CA MET A 230 -15.27 19.34 19.54
C MET A 230 -15.31 20.76 19.02
N TYR A 231 -16.48 21.36 19.10
CA TYR A 231 -16.68 22.76 18.73
C TYR A 231 -17.16 23.51 19.98
N SER A 232 -18.10 24.44 19.83
N SER A 232 -18.09 24.46 19.83
CA SER A 232 -18.45 25.34 20.94
CA SER A 232 -18.40 25.35 20.96
C SER A 232 -19.12 24.71 22.16
C SER A 232 -19.07 24.70 22.18
N VAL A 233 -19.52 23.45 22.05
CA VAL A 233 -20.00 22.70 23.21
C VAL A 233 -18.82 22.54 24.18
N PHE A 234 -17.63 22.41 23.62
CA PHE A 234 -16.42 22.13 24.39
C PHE A 234 -15.65 23.40 24.66
N ASP A 235 -16.30 24.26 25.43
CA ASP A 235 -15.80 25.60 25.70
C ASP A 235 -15.18 25.76 27.08
N THR A 236 -15.11 24.67 27.86
CA THR A 236 -14.36 24.71 29.11
C THR A 236 -13.44 23.50 29.21
N ALA A 237 -12.36 23.66 29.97
CA ALA A 237 -11.39 22.61 30.13
C ALA A 237 -12.02 21.35 30.71
N ALA A 238 -12.89 21.50 31.71
CA ALA A 238 -13.50 20.33 32.34
C ALA A 238 -14.42 19.55 31.39
N GLU A 239 -15.15 20.25 30.53
CA GLU A 239 -15.96 19.58 29.52
C GLU A 239 -15.13 18.66 28.63
N ILE A 240 -13.97 19.15 28.23
CA ILE A 240 -13.06 18.41 27.35
C ILE A 240 -12.41 17.27 28.11
N ASP A 241 -11.78 17.56 29.24
CA ASP A 241 -11.10 16.53 30.03
C ASP A 241 -12.05 15.42 30.45
N ASP A 242 -13.24 15.78 30.95
CA ASP A 242 -14.19 14.78 31.41
C ASP A 242 -14.68 13.86 30.28
N TYR A 243 -14.91 14.44 29.11
CA TYR A 243 -15.35 13.65 27.96
C TYR A 243 -14.30 12.64 27.53
N LEU A 244 -13.09 13.14 27.29
CA LEU A 244 -12.02 12.28 26.82
C LEU A 244 -11.72 11.18 27.83
N GLU A 245 -11.65 11.58 29.09
CA GLU A 245 -11.35 10.62 30.16
C GLU A 245 -12.44 9.58 30.32
N ALA A 246 -13.70 9.93 30.01
CA ALA A 246 -14.77 8.95 30.11
C ALA A 246 -14.50 7.75 29.20
N PHE A 247 -14.00 8.02 28.01
CA PHE A 247 -13.67 6.95 27.08
C PHE A 247 -12.39 6.21 27.51
N VAL A 248 -11.34 6.96 27.83
CA VAL A 248 -10.06 6.37 28.23
C VAL A 248 -10.25 5.45 29.44
N ASP A 249 -10.96 5.94 30.46
CA ASP A 249 -11.18 5.15 31.67
C ASP A 249 -12.06 3.91 31.45
N ALA A 250 -12.83 3.90 30.37
CA ALA A 250 -13.69 2.77 30.05
C ALA A 250 -12.95 1.75 29.19
N GLY A 251 -11.73 2.11 28.80
CA GLY A 251 -10.97 1.28 27.88
C GLY A 251 -11.39 1.32 26.42
N LEU A 252 -12.14 2.36 26.04
CA LEU A 252 -12.63 2.50 24.68
C LEU A 252 -11.78 3.52 23.93
N PRO A 253 -11.44 3.21 22.68
CA PRO A 253 -10.60 4.09 21.87
C PRO A 253 -11.38 5.29 21.33
N LEU A 254 -10.75 6.46 21.41
CA LEU A 254 -11.42 7.69 21.01
C LEU A 254 -10.43 8.60 20.30
N VAL A 255 -10.89 9.26 19.24
CA VAL A 255 -10.10 10.31 18.58
C VAL A 255 -10.95 11.56 18.54
N ILE A 256 -10.31 12.72 18.42
CA ILE A 256 -11.03 13.96 18.16
C ILE A 256 -11.01 14.16 16.62
N GLY A 257 -12.01 13.61 15.94
CA GLY A 257 -12.01 13.55 14.47
C GLY A 257 -12.21 14.88 13.78
N GLU A 258 -12.85 15.82 14.48
CA GLU A 258 -12.86 17.22 14.08
C GLU A 258 -12.77 18.07 15.33
N PHE A 259 -12.13 19.23 15.22
CA PHE A 259 -12.27 20.24 16.25
C PHE A 259 -12.02 21.61 15.69
N GLY A 260 -12.53 22.61 16.39
CA GLY A 260 -12.46 23.99 15.98
C GLY A 260 -11.74 24.76 17.04
N GLY A 261 -11.59 26.04 16.78
CA GLY A 261 -10.83 26.93 17.62
C GLY A 261 -11.52 28.27 17.66
N PRO A 262 -11.66 28.96 16.51
CA PRO A 262 -12.22 30.30 16.65
C PRO A 262 -13.69 30.28 17.08
N PRO A 263 -14.11 31.31 17.82
CA PRO A 263 -15.47 31.37 18.37
C PRO A 263 -16.54 31.38 17.31
N ASP A 264 -17.73 30.88 17.65
CA ASP A 264 -18.90 31.12 16.82
C ASP A 264 -20.04 31.70 17.67
N GLN A 265 -21.25 31.71 17.15
CA GLN A 265 -22.33 32.36 17.90
C GLN A 265 -22.75 31.55 19.12
N TRP A 266 -22.25 30.33 19.24
CA TRP A 266 -22.65 29.48 20.36
C TRP A 266 -21.60 29.41 21.46
N GLY A 267 -20.39 29.84 21.15
CA GLY A 267 -19.35 29.85 22.17
C GLY A 267 -17.95 29.78 21.59
N ASP A 268 -16.97 29.58 22.47
CA ASP A 268 -15.57 29.61 22.08
C ASP A 268 -14.96 28.28 22.43
N PRO A 269 -14.70 27.44 21.41
CA PRO A 269 -14.07 26.14 21.69
C PRO A 269 -12.72 26.37 22.37
N ASP A 270 -12.42 25.59 23.41
CA ASP A 270 -11.13 25.70 24.08
C ASP A 270 -10.13 24.78 23.41
N GLU A 271 -9.63 25.19 22.25
CA GLU A 271 -8.69 24.32 21.52
C GLU A 271 -7.38 24.07 22.29
N ASP A 272 -6.94 25.06 23.08
CA ASP A 272 -5.74 24.87 23.90
C ASP A 272 -5.86 23.62 24.78
N THR A 273 -7.00 23.45 25.44
CA THR A 273 -7.19 22.28 26.30
C THR A 273 -7.34 21.01 25.45
N MET A 274 -8.04 21.08 24.33
CA MET A 274 -8.16 19.90 23.44
C MET A 274 -6.79 19.37 23.08
N LEU A 275 -5.89 20.26 22.67
CA LEU A 275 -4.58 19.85 22.20
C LEU A 275 -3.76 19.31 23.35
N ALA A 276 -3.82 19.99 24.49
CA ALA A 276 -3.05 19.55 25.66
C ALA A 276 -3.55 18.22 26.17
N ALA A 277 -4.87 18.05 26.20
CA ALA A 277 -5.47 16.82 26.73
C ALA A 277 -5.18 15.65 25.78
N ALA A 278 -5.31 15.90 24.48
CA ALA A 278 -4.98 14.89 23.47
C ALA A 278 -3.53 14.45 23.59
N GLU A 279 -2.64 15.36 23.94
CA GLU A 279 -1.24 14.99 24.14
C GLU A 279 -1.04 14.20 25.44
N ARG A 280 -1.67 14.65 26.51
CA ARG A 280 -1.57 13.98 27.81
C ARG A 280 -2.07 12.53 27.75
N LEU A 281 -3.19 12.33 27.06
CA LEU A 281 -3.82 11.02 27.00
C LEU A 281 -3.41 10.27 25.75
N ARG A 282 -2.58 10.91 24.94
CA ARG A 282 -2.12 10.37 23.65
C ARG A 282 -3.28 9.83 22.80
N LEU A 283 -4.23 10.72 22.55
CA LEU A 283 -5.37 10.43 21.68
C LEU A 283 -5.19 11.22 20.38
N GLY A 284 -5.65 10.63 19.27
CA GLY A 284 -5.57 11.28 17.97
C GLY A 284 -6.44 12.52 17.85
N TYR A 285 -6.00 13.47 17.03
CA TYR A 285 -6.86 14.60 16.70
C TYR A 285 -6.70 14.96 15.23
N LEU A 286 -7.77 15.48 14.65
CA LEU A 286 -7.78 15.95 13.26
C LEU A 286 -8.50 17.31 13.22
N ALA A 287 -7.77 18.38 12.90
CA ALA A 287 -8.37 19.72 12.88
C ALA A 287 -9.29 19.94 11.67
N TRP A 288 -10.32 20.75 11.85
CA TRP A 288 -11.15 21.16 10.70
C TRP A 288 -10.86 22.62 10.34
N SER A 289 -10.50 22.93 9.09
CA SER A 289 -10.14 21.98 8.04
C SER A 289 -9.07 22.68 7.20
N TRP A 290 -8.45 21.95 6.27
CA TRP A 290 -7.39 22.53 5.45
C TRP A 290 -7.74 23.87 4.79
N SER A 291 -8.76 23.89 3.95
CA SER A 291 -9.16 25.14 3.30
C SER A 291 -10.51 24.96 2.63
N GLY A 292 -11.13 26.08 2.28
CA GLY A 292 -12.33 26.06 1.43
C GLY A 292 -13.67 26.06 2.12
N ASN A 293 -13.71 26.37 3.42
CA ASN A 293 -15.01 26.51 4.09
C ASN A 293 -15.80 27.69 3.57
N THR A 294 -17.12 27.53 3.49
CA THR A 294 -18.01 28.61 3.11
C THR A 294 -17.80 29.84 3.99
N ASP A 295 -17.72 29.62 5.29
CA ASP A 295 -17.24 30.63 6.21
C ASP A 295 -15.76 30.32 6.48
N PRO A 296 -14.86 31.20 6.01
CA PRO A 296 -13.43 30.85 6.04
C PRO A 296 -12.78 30.87 7.41
N VAL A 297 -13.54 31.16 8.47
CA VAL A 297 -12.98 31.20 9.82
C VAL A 297 -12.27 29.91 10.23
N LEU A 298 -12.72 28.77 9.72
CA LEU A 298 -12.04 27.51 10.03
C LEU A 298 -11.01 27.03 9.02
N ASP A 299 -10.69 27.85 8.02
CA ASP A 299 -9.62 27.47 7.07
C ASP A 299 -8.29 27.56 7.77
N LEU A 300 -7.57 26.45 7.81
CA LEU A 300 -6.22 26.43 8.37
C LEU A 300 -5.28 27.19 7.43
N ALA A 301 -5.42 26.91 6.13
CA ALA A 301 -4.63 27.56 5.09
C ALA A 301 -5.57 28.43 4.29
N ILE A 302 -5.11 29.62 3.92
CA ILE A 302 -5.94 30.53 3.14
C ILE A 302 -5.78 30.28 1.64
N GLY A 303 -6.90 30.04 0.97
CA GLY A 303 -6.89 29.83 -0.47
C GLY A 303 -6.05 28.63 -0.86
N PHE A 304 -6.02 27.61 0.00
CA PHE A 304 -5.24 26.39 -0.26
C PHE A 304 -3.73 26.62 -0.38
N ASP A 305 -3.26 27.77 0.11
CA ASP A 305 -1.84 28.11 0.04
C ASP A 305 -1.18 27.75 1.35
N PRO A 306 -0.32 26.72 1.34
CA PRO A 306 0.26 26.24 2.59
C PRO A 306 1.19 27.24 3.28
N ASP A 307 1.69 28.22 2.54
CA ASP A 307 2.56 29.24 3.13
C ASP A 307 1.72 30.32 3.83
N ARG A 308 0.41 30.32 3.57
CA ARG A 308 -0.44 31.38 4.10
C ARG A 308 -1.43 30.80 5.11
N LEU A 309 -0.94 30.49 6.30
CA LEU A 309 -1.81 29.92 7.32
C LEU A 309 -2.53 31.04 8.07
N SER A 310 -3.80 30.82 8.35
CA SER A 310 -4.56 31.72 9.22
C SER A 310 -4.05 31.65 10.67
N GLY A 311 -4.54 32.51 11.54
CA GLY A 311 -4.21 32.38 12.95
C GLY A 311 -4.49 30.96 13.47
N TRP A 312 -5.61 30.42 13.04
CA TRP A 312 -6.06 29.05 13.36
C TRP A 312 -5.07 28.01 12.82
N GLY A 313 -4.66 28.14 11.56
CA GLY A 313 -3.68 27.23 11.01
C GLY A 313 -2.34 27.29 11.75
N GLN A 314 -1.94 28.49 12.13
CA GLN A 314 -0.68 28.65 12.84
C GLN A 314 -0.77 27.96 14.20
N ARG A 315 -1.90 28.14 14.88
CA ARG A 315 -2.11 27.51 16.18
C ARG A 315 -2.00 26.00 16.09
N VAL A 316 -2.67 25.42 15.10
CA VAL A 316 -2.74 23.96 14.94
C VAL A 316 -1.42 23.37 14.47
N PHE A 317 -0.79 24.00 13.48
CA PHE A 317 0.43 23.42 12.94
C PHE A 317 1.66 23.76 13.76
N HIS A 318 1.73 24.98 14.27
CA HIS A 318 2.97 25.49 14.86
C HIS A 318 2.95 25.74 16.36
N GLY A 319 1.77 25.69 16.97
CA GLY A 319 1.63 26.01 18.38
C GLY A 319 1.96 24.87 19.34
N VAL A 320 1.84 25.15 20.64
CA VAL A 320 2.13 24.15 21.64
C VAL A 320 1.16 22.96 21.50
N HIS A 321 1.70 21.74 21.60
CA HIS A 321 0.91 20.52 21.43
C HIS A 321 0.34 20.36 20.04
N GLY A 322 0.84 21.18 19.11
CA GLY A 322 0.38 21.17 17.73
C GLY A 322 1.01 20.07 16.89
N ILE A 323 0.72 20.12 15.60
CA ILE A 323 1.11 19.04 14.70
C ILE A 323 2.61 19.01 14.51
N GLY A 324 3.22 20.17 14.26
CA GLY A 324 4.66 20.22 14.11
C GLY A 324 5.40 19.64 15.31
N GLU A 325 4.86 19.90 16.50
CA GLU A 325 5.47 19.49 17.74
C GLU A 325 5.26 18.01 18.06
N THR A 326 4.10 17.46 17.69
CA THR A 326 3.69 16.17 18.25
C THR A 326 3.44 15.05 17.26
N SER A 327 3.45 15.35 15.97
CA SER A 327 3.13 14.34 14.96
C SER A 327 4.29 13.43 14.61
N ARG A 328 4.03 12.13 14.66
N ARG A 328 4.03 12.13 14.64
CA ARG A 328 4.99 11.11 14.24
CA ARG A 328 5.00 11.13 14.24
C ARG A 328 4.42 10.35 13.07
C ARG A 328 4.43 10.32 13.08
N GLU A 329 5.23 10.17 12.02
CA GLU A 329 4.78 9.44 10.83
C GLU A 329 4.42 8.00 11.18
N ALA A 330 3.43 7.44 10.50
CA ALA A 330 3.12 6.03 10.72
C ALA A 330 4.32 5.18 10.33
N THR A 331 4.60 4.16 11.14
CA THR A 331 5.80 3.34 10.91
C THR A 331 5.69 2.40 9.73
N VAL A 332 4.46 2.13 9.27
CA VAL A 332 4.28 1.27 8.10
C VAL A 332 5.08 1.78 6.90
N PHE A 333 5.27 3.09 6.84
CA PHE A 333 5.99 3.71 5.71
C PHE A 333 7.50 3.54 5.74
N GLY A 334 8.03 3.15 6.90
CA GLY A 334 9.47 2.96 7.06
C GLY A 334 10.19 4.28 7.28
N LYS A 335 11.51 4.24 7.40
CA LYS A 335 12.22 5.48 7.62
C LYS A 335 12.58 6.10 6.27
N LEU A 336 12.28 7.40 6.14
CA LEU A 336 12.46 8.12 4.88
C LEU A 336 13.92 8.17 4.45
N ALA A 337 14.14 8.29 3.14
CA ALA A 337 15.46 8.38 2.50
C ALA A 337 16.14 7.03 2.37
N THR B 37 14.69 -26.70 3.16
CA THR B 37 13.33 -27.14 3.47
C THR B 37 12.27 -26.45 2.59
N GLY B 38 12.55 -25.22 2.16
CA GLY B 38 11.72 -24.51 1.18
C GLY B 38 12.41 -24.49 -0.18
N LEU B 39 12.03 -23.53 -1.05
CA LEU B 39 12.79 -23.31 -2.27
C LEU B 39 14.23 -23.00 -1.92
N HIS B 40 15.16 -23.68 -2.56
CA HIS B 40 16.57 -23.50 -2.24
C HIS B 40 17.44 -23.80 -3.46
N VAL B 41 18.73 -23.50 -3.35
CA VAL B 41 19.64 -23.69 -4.49
C VAL B 41 20.66 -24.77 -4.17
N GLN B 42 20.85 -25.70 -5.10
CA GLN B 42 21.87 -26.74 -4.97
C GLN B 42 22.41 -27.10 -6.34
N GLY B 43 23.72 -27.15 -6.47
CA GLY B 43 24.35 -27.56 -7.73
C GLY B 43 23.93 -26.67 -8.87
N GLY B 44 23.70 -25.40 -8.59
CA GLY B 44 23.36 -24.41 -9.61
C GLY B 44 21.92 -24.47 -10.08
N ARG B 45 21.09 -25.24 -9.38
CA ARG B 45 19.68 -25.43 -9.72
C ARG B 45 18.79 -24.89 -8.63
N LEU B 46 17.63 -24.38 -9.03
CA LEU B 46 16.55 -24.07 -8.09
C LEU B 46 15.71 -25.31 -7.80
N LEU B 47 15.68 -25.71 -6.52
CA LEU B 47 14.98 -26.91 -6.11
C LEU B 47 13.88 -26.58 -5.12
N GLU B 48 12.77 -27.29 -5.23
CA GLU B 48 11.75 -27.24 -4.18
C GLU B 48 12.25 -27.98 -2.94
N GLY B 49 11.52 -27.83 -1.84
CA GLY B 49 11.90 -28.45 -0.57
C GLY B 49 12.03 -29.95 -0.66
N ASN B 50 11.26 -30.55 -1.55
CA ASN B 50 11.28 -32.00 -1.71
C ASN B 50 12.39 -32.45 -2.65
N GLY B 51 13.18 -31.50 -3.12
CA GLY B 51 14.33 -31.78 -3.97
C GLY B 51 14.07 -31.73 -5.46
N ASN B 52 12.81 -31.54 -5.85
CA ASN B 52 12.49 -31.52 -7.30
C ASN B 52 12.95 -30.23 -7.97
N ASP B 53 13.57 -30.37 -9.14
CA ASP B 53 14.03 -29.24 -9.93
C ASP B 53 12.87 -28.34 -10.38
N PHE B 54 12.97 -27.02 -10.16
CA PHE B 54 11.90 -26.11 -10.58
C PHE B 54 12.39 -25.08 -11.59
N VAL B 55 11.76 -25.08 -12.75
CA VAL B 55 12.17 -24.19 -13.84
C VAL B 55 11.05 -23.19 -14.14
N MET B 56 11.27 -21.94 -13.76
CA MET B 56 10.21 -20.92 -13.92
C MET B 56 9.82 -20.72 -15.37
N ARG B 57 8.51 -20.67 -15.61
CA ARG B 57 7.99 -20.40 -16.92
C ARG B 57 6.82 -19.49 -16.66
N GLY B 58 7.04 -18.18 -16.78
CA GLY B 58 6.02 -17.27 -16.29
C GLY B 58 6.10 -15.88 -16.84
N VAL B 59 5.42 -14.97 -16.16
CA VAL B 59 5.39 -13.57 -16.60
C VAL B 59 5.48 -12.63 -15.41
N ASN B 60 5.77 -11.37 -15.73
CA ASN B 60 5.70 -10.28 -14.77
C ASN B 60 4.31 -9.65 -14.79
N HIS B 61 3.81 -9.32 -13.61
CA HIS B 61 2.53 -8.60 -13.47
C HIS B 61 2.70 -7.37 -12.59
N ALA B 62 2.29 -6.22 -13.12
CA ALA B 62 2.50 -4.91 -12.52
C ALA B 62 1.50 -4.60 -11.42
N HIS B 63 1.49 -5.44 -10.39
CA HIS B 63 0.50 -5.34 -9.32
C HIS B 63 0.41 -3.96 -8.67
N THR B 64 1.55 -3.37 -8.35
CA THR B 64 1.53 -2.10 -7.61
C THR B 64 0.85 -0.96 -8.37
N TRP B 65 0.94 -0.98 -9.70
CA TRP B 65 0.30 0.05 -10.51
C TRP B 65 -1.13 -0.33 -10.94
N TYR B 66 -1.46 -1.61 -10.80
CA TYR B 66 -2.79 -2.11 -11.15
C TYR B 66 -3.42 -2.99 -10.05
N PRO B 67 -3.64 -2.43 -8.86
CA PRO B 67 -4.09 -3.27 -7.75
C PRO B 67 -5.49 -3.87 -7.95
N GLY B 68 -6.32 -3.24 -8.79
CA GLY B 68 -7.66 -3.75 -9.05
C GLY B 68 -7.73 -4.90 -10.06
N GLN B 69 -6.61 -5.17 -10.74
CA GLN B 69 -6.61 -6.24 -11.76
C GLN B 69 -6.36 -7.58 -11.11
N THR B 70 -7.31 -7.97 -10.27
CA THR B 70 -7.16 -9.13 -9.40
C THR B 70 -7.20 -10.44 -10.16
N ARG B 71 -7.87 -10.45 -11.30
CA ARG B 71 -8.05 -11.67 -12.05
C ARG B 71 -6.78 -12.06 -12.80
N SER B 72 -5.79 -11.16 -12.83
CA SER B 72 -4.54 -11.43 -13.57
C SER B 72 -3.87 -12.75 -13.20
N LEU B 73 -3.76 -13.02 -11.90
CA LEU B 73 -3.04 -14.22 -11.47
C LEU B 73 -3.69 -15.49 -12.00
N ALA B 74 -5.01 -15.60 -11.85
CA ALA B 74 -5.72 -16.77 -12.34
C ALA B 74 -5.61 -16.88 -13.85
N ASP B 75 -5.67 -15.74 -14.55
CA ASP B 75 -5.59 -15.74 -16.00
C ASP B 75 -4.23 -16.22 -16.48
N ILE B 76 -3.19 -15.74 -15.82
CA ILE B 76 -1.81 -16.14 -16.10
C ILE B 76 -1.63 -17.65 -15.86
N LYS B 77 -2.12 -18.14 -14.73
CA LYS B 77 -2.14 -19.59 -14.48
C LYS B 77 -2.87 -20.38 -15.57
N ALA B 78 -4.02 -19.88 -16.01
CA ALA B 78 -4.85 -20.62 -16.97
C ALA B 78 -4.14 -20.74 -18.33
N LEU B 79 -3.25 -19.79 -18.61
CA LEU B 79 -2.47 -19.83 -19.84
C LEU B 79 -1.21 -20.68 -19.68
N GLY B 80 -1.03 -21.26 -18.50
CA GLY B 80 0.00 -22.25 -18.32
C GLY B 80 1.18 -21.89 -17.46
N ALA B 81 1.28 -20.62 -17.03
CA ALA B 81 2.43 -20.18 -16.24
C ALA B 81 2.53 -20.94 -14.93
N ASN B 82 3.76 -21.16 -14.47
CA ASN B 82 3.99 -21.80 -13.17
C ASN B 82 4.51 -20.81 -12.11
N THR B 83 4.73 -19.57 -12.53
CA THR B 83 5.39 -18.54 -11.70
C THR B 83 4.91 -17.17 -12.16
N VAL B 84 4.70 -16.27 -11.20
CA VAL B 84 4.46 -14.86 -11.54
C VAL B 84 5.47 -13.98 -10.76
N ARG B 85 6.02 -12.97 -11.42
CA ARG B 85 6.87 -11.99 -10.74
C ARG B 85 6.00 -10.76 -10.50
N VAL B 86 5.82 -10.42 -9.23
CA VAL B 86 4.84 -9.41 -8.82
C VAL B 86 5.56 -8.10 -8.50
N VAL B 87 5.19 -7.04 -9.21
CA VAL B 87 5.79 -5.73 -8.98
C VAL B 87 5.23 -5.10 -7.71
N LEU B 88 6.08 -4.90 -6.71
CA LEU B 88 5.72 -4.16 -5.50
C LEU B 88 6.47 -2.85 -5.49
N SER B 89 6.01 -1.93 -4.65
CA SER B 89 6.78 -0.73 -4.33
C SER B 89 7.05 -0.67 -2.83
N ASP B 90 8.22 -0.17 -2.47
CA ASP B 90 8.58 0.03 -1.06
C ASP B 90 8.30 1.48 -0.66
N GLY B 91 7.64 2.22 -1.53
CA GLY B 91 7.25 3.58 -1.22
C GLY B 91 8.31 4.64 -1.45
N HIS B 92 9.53 4.26 -1.86
CA HIS B 92 10.52 5.29 -2.13
C HIS B 92 10.16 6.14 -3.33
N ARG B 93 9.71 5.49 -4.41
CA ARG B 93 9.34 6.15 -5.63
C ARG B 93 7.83 6.08 -5.93
N TRP B 94 7.27 4.88 -5.84
CA TRP B 94 5.84 4.69 -6.02
C TRP B 94 5.21 4.53 -4.64
N THR B 95 4.07 3.86 -4.53
CA THR B 95 3.40 3.84 -3.24
C THR B 95 3.52 2.47 -2.59
N ARG B 96 3.85 2.47 -1.31
CA ARG B 96 4.27 1.26 -0.64
C ARG B 96 3.13 0.24 -0.52
N ASN B 97 3.36 -0.98 -1.01
CA ASN B 97 2.39 -2.04 -0.78
C ASN B 97 2.42 -2.49 0.66
N GLY B 98 1.30 -2.29 1.34
CA GLY B 98 1.21 -2.62 2.75
C GLY B 98 1.36 -4.10 3.01
N PRO B 99 1.79 -4.48 4.22
CA PRO B 99 1.90 -5.91 4.49
C PRO B 99 0.57 -6.67 4.26
N ALA B 100 -0.58 -6.04 4.51
CA ALA B 100 -1.85 -6.72 4.34
C ALA B 100 -2.10 -7.05 2.86
N ASP B 101 -1.65 -6.14 2.01
CA ASP B 101 -1.69 -6.24 0.55
C ASP B 101 -0.78 -7.40 0.10
N VAL B 102 0.47 -7.36 0.56
CA VAL B 102 1.44 -8.37 0.18
C VAL B 102 0.96 -9.76 0.63
N ALA B 103 0.43 -9.85 1.83
CA ALA B 103 -0.14 -11.12 2.30
C ALA B 103 -1.25 -11.64 1.37
N ALA B 104 -2.09 -10.73 0.89
CA ALA B 104 -3.19 -11.13 0.00
C ALA B 104 -2.67 -11.62 -1.34
N VAL B 105 -1.62 -10.99 -1.85
CA VAL B 105 -1.00 -11.38 -3.12
C VAL B 105 -0.43 -12.79 -2.99
N ILE B 106 0.29 -13.03 -1.90
CA ILE B 106 0.89 -14.35 -1.68
C ILE B 106 -0.21 -15.41 -1.62
N ASP B 107 -1.27 -15.13 -0.88
CA ASP B 107 -2.38 -16.08 -0.78
C ASP B 107 -3.02 -16.35 -2.14
N ARG B 108 -3.16 -15.30 -2.95
CA ARG B 108 -3.74 -15.42 -4.28
C ARG B 108 -2.83 -16.24 -5.21
N CYS B 109 -1.52 -15.99 -5.16
CA CYS B 109 -0.58 -16.83 -5.91
C CYS B 109 -0.70 -18.29 -5.53
N LYS B 110 -0.68 -18.57 -4.23
CA LYS B 110 -0.77 -19.96 -3.77
C LYS B 110 -2.10 -20.61 -4.19
N ALA B 111 -3.20 -19.85 -4.11
CA ALA B 111 -4.51 -20.36 -4.46
C ALA B 111 -4.59 -20.73 -5.94
N ASN B 112 -3.77 -20.05 -6.74
CA ASN B 112 -3.69 -20.33 -8.17
C ASN B 112 -2.51 -21.22 -8.56
N ARG B 113 -1.90 -21.84 -7.56
CA ARG B 113 -0.76 -22.76 -7.77
C ARG B 113 0.33 -22.13 -8.63
N LEU B 114 0.67 -20.89 -8.30
CA LEU B 114 1.78 -20.16 -8.87
C LEU B 114 2.84 -19.90 -7.81
N ILE B 115 4.10 -20.20 -8.12
CA ILE B 115 5.23 -19.69 -7.35
C ILE B 115 5.30 -18.18 -7.55
N CYS B 116 5.59 -17.47 -6.47
CA CYS B 116 5.46 -16.02 -6.39
C CYS B 116 6.85 -15.42 -6.24
N VAL B 117 7.28 -14.63 -7.22
CA VAL B 117 8.51 -13.86 -7.04
C VAL B 117 8.10 -12.41 -6.74
N LEU B 118 8.33 -11.96 -5.51
CA LEU B 118 8.07 -10.58 -5.15
C LEU B 118 9.28 -9.70 -5.44
N GLU B 119 9.06 -8.49 -5.95
CA GLU B 119 10.20 -7.61 -6.22
C GLU B 119 9.86 -6.16 -5.89
N VAL B 120 10.85 -5.42 -5.38
CA VAL B 120 10.70 -4.00 -5.12
C VAL B 120 11.18 -3.18 -6.33
N HIS B 121 10.26 -2.43 -6.95
CA HIS B 121 10.59 -1.79 -8.21
C HIS B 121 11.38 -0.46 -8.05
N ASP B 122 11.36 0.11 -6.84
CA ASP B 122 11.80 1.50 -6.67
C ASP B 122 13.29 1.71 -6.86
N THR B 123 14.05 0.62 -6.81
CA THR B 123 15.49 0.68 -6.97
C THR B 123 15.93 0.93 -8.42
N THR B 124 14.99 0.82 -9.35
CA THR B 124 15.29 0.84 -10.80
C THR B 124 16.18 2.02 -11.20
N GLY B 125 17.34 1.72 -11.76
CA GLY B 125 18.16 2.77 -12.34
C GLY B 125 18.94 3.60 -11.35
N TYR B 126 19.09 3.12 -10.11
CA TYR B 126 19.82 3.88 -9.09
C TYR B 126 21.20 4.38 -9.55
N GLY B 127 21.51 5.62 -9.23
CA GLY B 127 22.77 6.21 -9.63
C GLY B 127 22.64 7.02 -10.90
N GLU B 128 21.53 6.84 -11.59
CA GLU B 128 21.28 7.56 -12.82
C GLU B 128 19.87 8.19 -12.81
N GLU B 129 18.88 7.38 -12.46
CA GLU B 129 17.52 7.89 -12.24
C GLU B 129 17.40 8.55 -10.85
N PRO B 130 17.18 9.87 -10.81
CA PRO B 130 17.17 10.63 -9.57
C PRO B 130 16.16 10.14 -8.54
N ALA B 131 15.02 9.64 -9.00
CA ALA B 131 13.96 9.19 -8.11
C ALA B 131 14.21 7.80 -7.53
N ALA B 132 15.30 7.16 -7.93
CA ALA B 132 15.51 5.76 -7.54
C ALA B 132 15.88 5.59 -6.08
N GLY B 133 15.45 4.46 -5.51
CA GLY B 133 15.79 4.15 -4.13
C GLY B 133 16.94 3.16 -4.02
N THR B 134 17.44 2.99 -2.79
CA THR B 134 18.58 2.11 -2.55
C THR B 134 18.17 0.70 -2.20
N LEU B 135 19.12 -0.22 -2.34
CA LEU B 135 18.90 -1.61 -1.96
C LEU B 135 18.71 -1.73 -0.44
N ASP B 136 19.34 -0.85 0.32
CA ASP B 136 19.17 -0.87 1.77
C ASP B 136 17.75 -0.47 2.17
N HIS B 137 17.20 0.52 1.47
CA HIS B 137 15.81 0.92 1.74
C HIS B 137 14.85 -0.22 1.39
N ALA B 138 15.09 -0.88 0.25
CA ALA B 138 14.31 -2.06 -0.08
C ALA B 138 14.43 -3.12 1.02
N ALA B 139 15.66 -3.37 1.48
CA ALA B 139 15.89 -4.37 2.52
C ALA B 139 15.09 -4.08 3.78
N ASP B 140 15.07 -2.81 4.21
CA ASP B 140 14.25 -2.42 5.35
C ASP B 140 12.77 -2.78 5.12
N TYR B 141 12.29 -2.56 3.90
CA TYR B 141 10.93 -2.94 3.56
C TYR B 141 10.70 -4.45 3.62
N TRP B 142 11.61 -5.24 3.06
CA TRP B 142 11.49 -6.69 3.19
C TRP B 142 11.47 -7.13 4.64
N ILE B 143 12.27 -6.48 5.49
CA ILE B 143 12.26 -6.84 6.91
C ILE B 143 10.87 -6.52 7.52
N SER B 144 10.27 -5.43 7.06
CA SER B 144 8.94 -5.07 7.56
C SER B 144 7.89 -6.08 7.13
N LEU B 145 8.18 -6.81 6.04
CA LEU B 145 7.29 -7.86 5.56
C LEU B 145 7.57 -9.23 6.18
N MET B 146 8.51 -9.31 7.11
CA MET B 146 8.91 -10.66 7.57
C MET B 146 7.79 -11.49 8.20
N ASP B 147 6.87 -10.85 8.93
CA ASP B 147 5.76 -11.62 9.49
C ASP B 147 4.88 -12.22 8.40
N VAL B 148 4.68 -11.47 7.32
CA VAL B 148 3.87 -11.94 6.21
C VAL B 148 4.61 -13.03 5.43
N LEU B 149 5.93 -12.89 5.35
CA LEU B 149 6.73 -13.81 4.56
C LEU B 149 7.04 -15.10 5.31
N ALA B 150 6.96 -15.07 6.63
CA ALA B 150 7.29 -16.26 7.44
C ALA B 150 6.45 -17.46 7.07
N GLY B 151 7.12 -18.60 6.90
CA GLY B 151 6.44 -19.83 6.58
C GLY B 151 6.11 -19.97 5.11
N GLN B 152 6.50 -18.98 4.30
CA GLN B 152 6.18 -19.01 2.86
C GLN B 152 7.39 -19.36 1.97
N GLU B 153 8.41 -19.94 2.56
CA GLU B 153 9.64 -20.27 1.81
C GLU B 153 9.46 -21.29 0.67
N ASP B 154 8.41 -22.10 0.75
CA ASP B 154 8.08 -23.02 -0.34
C ASP B 154 7.44 -22.30 -1.51
N TYR B 155 6.94 -21.08 -1.28
CA TYR B 155 6.05 -20.46 -2.25
C TYR B 155 6.55 -19.12 -2.79
N VAL B 156 7.46 -18.49 -2.06
CA VAL B 156 7.85 -17.11 -2.36
C VAL B 156 9.35 -16.90 -2.41
N ILE B 157 9.78 -16.24 -3.49
CA ILE B 157 11.17 -15.86 -3.67
C ILE B 157 11.25 -14.32 -3.58
N VAL B 158 12.28 -13.81 -2.93
CA VAL B 158 12.42 -12.37 -2.67
C VAL B 158 13.49 -11.78 -3.59
N ASN B 159 13.04 -10.98 -4.55
CA ASN B 159 13.91 -10.33 -5.52
C ASN B 159 14.19 -8.95 -4.93
N ILE B 160 15.39 -8.76 -4.39
CA ILE B 160 15.64 -7.66 -3.45
C ILE B 160 15.25 -6.31 -4.04
N GLY B 161 15.67 -6.05 -5.27
CA GLY B 161 15.33 -4.79 -5.93
C GLY B 161 15.48 -4.89 -7.43
N ASN B 162 14.48 -4.40 -8.16
CA ASN B 162 14.50 -4.43 -9.62
C ASN B 162 15.66 -3.60 -10.15
N GLU B 163 16.39 -4.15 -11.14
CA GLU B 163 17.37 -3.36 -11.93
C GLU B 163 18.03 -2.25 -11.13
N PRO B 164 18.67 -2.62 -10.01
CA PRO B 164 18.93 -1.64 -8.94
C PRO B 164 20.17 -0.75 -9.14
N TRP B 165 20.65 -0.63 -10.38
CA TRP B 165 21.67 0.33 -10.70
C TRP B 165 21.49 0.71 -12.15
N GLY B 166 21.70 1.98 -12.47
CA GLY B 166 21.67 2.42 -13.86
C GLY B 166 22.99 2.23 -14.58
N ASN B 167 23.27 3.11 -15.54
CA ASN B 167 24.43 2.95 -16.41
C ASN B 167 25.66 3.73 -15.96
N THR B 168 25.51 4.48 -14.88
CA THR B 168 26.62 5.24 -14.31
C THR B 168 27.32 4.41 -13.25
N ASP B 169 28.63 4.24 -13.42
CA ASP B 169 29.47 3.51 -12.46
C ASP B 169 28.84 2.21 -11.94
N PRO B 170 28.54 1.27 -12.85
CA PRO B 170 27.87 0.02 -12.46
C PRO B 170 28.73 -0.84 -11.55
N ALA B 171 30.04 -0.59 -11.47
CA ALA B 171 30.86 -1.31 -10.49
C ALA B 171 30.35 -1.04 -9.07
N GLY B 172 29.67 0.08 -8.88
CA GLY B 172 29.15 0.45 -7.57
C GLY B 172 28.04 -0.46 -7.08
N TRP B 173 27.52 -1.33 -7.95
CA TRP B 173 26.39 -2.20 -7.63
C TRP B 173 26.77 -3.30 -6.64
N THR B 174 28.00 -3.76 -6.68
CA THR B 174 28.38 -4.98 -5.97
C THR B 174 28.31 -4.86 -4.46
N ALA B 175 28.90 -3.80 -3.92
CA ALA B 175 28.93 -3.64 -2.46
C ALA B 175 27.52 -3.53 -1.83
N PRO B 176 26.64 -2.66 -2.36
CA PRO B 176 25.32 -2.59 -1.73
C PRO B 176 24.50 -3.85 -1.96
N THR B 177 24.75 -4.57 -3.05
CA THR B 177 24.04 -5.82 -3.29
C THR B 177 24.48 -6.85 -2.24
N ILE B 178 25.78 -6.99 -2.05
CA ILE B 178 26.30 -7.87 -1.00
C ILE B 178 25.78 -7.46 0.39
N ALA B 179 25.76 -6.16 0.67
CA ALA B 179 25.31 -5.68 1.98
C ALA B 179 23.85 -6.04 2.22
N ALA B 180 23.04 -5.91 1.18
CA ALA B 180 21.62 -6.19 1.31
C ALA B 180 21.35 -7.68 1.54
N VAL B 181 22.08 -8.52 0.80
CA VAL B 181 22.00 -9.97 1.03
C VAL B 181 22.35 -10.30 2.48
N LYS B 182 23.49 -9.82 2.95
CA LYS B 182 23.90 -10.08 4.33
C LYS B 182 22.89 -9.57 5.35
N LYS B 183 22.30 -8.41 5.07
CA LYS B 183 21.34 -7.81 5.99
C LYS B 183 20.05 -8.63 6.09
N LEU B 184 19.56 -9.11 4.96
CA LEU B 184 18.35 -9.92 4.98
C LEU B 184 18.58 -11.25 5.68
N ARG B 185 19.73 -11.86 5.46
CA ARG B 185 20.04 -13.07 6.20
C ARG B 185 20.22 -12.78 7.69
N ALA B 186 20.86 -11.66 8.02
CA ALA B 186 21.02 -11.30 9.43
C ALA B 186 19.66 -11.16 10.10
N ALA B 187 18.68 -10.64 9.35
CA ALA B 187 17.36 -10.41 9.91
C ALA B 187 16.58 -11.72 10.12
N GLY B 188 17.05 -12.80 9.49
CA GLY B 188 16.42 -14.08 9.65
C GLY B 188 15.55 -14.53 8.48
N LEU B 189 15.60 -13.80 7.36
CA LEU B 189 14.90 -14.21 6.16
C LEU B 189 15.56 -15.46 5.57
N ALA B 190 14.76 -16.49 5.33
CA ALA B 190 15.30 -17.76 4.84
C ALA B 190 14.93 -18.03 3.38
N HIS B 191 14.07 -17.20 2.80
CA HIS B 191 13.63 -17.42 1.42
C HIS B 191 14.79 -17.40 0.45
N THR B 192 14.67 -18.15 -0.64
CA THR B 192 15.57 -17.93 -1.76
C THR B 192 15.49 -16.48 -2.23
N LEU B 193 16.66 -15.86 -2.42
CA LEU B 193 16.77 -14.50 -2.88
C LEU B 193 17.00 -14.47 -4.37
N MET B 194 16.53 -13.42 -5.02
CA MET B 194 16.86 -13.19 -6.42
C MET B 194 17.52 -11.82 -6.57
N ILE B 195 18.58 -11.78 -7.37
CA ILE B 195 19.45 -10.62 -7.46
C ILE B 195 19.47 -10.09 -8.89
N ASP B 196 19.09 -8.82 -9.09
CA ASP B 196 19.13 -8.15 -10.40
C ASP B 196 20.46 -7.44 -10.66
N ALA B 197 20.76 -7.23 -11.95
CA ALA B 197 22.02 -6.67 -12.41
C ALA B 197 22.01 -5.15 -12.51
N PRO B 198 23.20 -4.55 -12.57
CA PRO B 198 23.26 -3.10 -12.90
C PRO B 198 23.08 -2.88 -14.41
N ASN B 199 23.29 -1.65 -14.88
CA ASN B 199 22.93 -1.27 -16.27
C ASN B 199 21.46 -1.56 -16.53
N TRP B 200 20.62 -1.14 -15.60
CA TRP B 200 19.18 -1.30 -15.70
C TRP B 200 18.80 -2.76 -15.92
N GLY B 201 19.50 -3.65 -15.22
CA GLY B 201 19.20 -5.07 -15.25
C GLY B 201 19.70 -5.85 -16.45
N GLN B 202 20.21 -5.16 -17.48
CA GLN B 202 20.72 -5.87 -18.64
C GLN B 202 22.20 -6.24 -18.51
N ASP B 203 22.86 -5.85 -17.42
CA ASP B 203 24.28 -6.16 -17.21
C ASP B 203 25.14 -5.84 -18.43
N TRP B 204 24.84 -4.72 -19.08
CA TRP B 204 25.46 -4.30 -20.33
C TRP B 204 27.00 -4.33 -20.25
N GLN B 205 27.54 -3.95 -19.09
CA GLN B 205 28.99 -3.93 -18.89
C GLN B 205 29.57 -5.15 -18.17
N GLY B 206 28.71 -6.14 -17.88
CA GLY B 206 29.16 -7.42 -17.36
C GLY B 206 29.61 -7.43 -15.90
N VAL B 207 29.21 -6.42 -15.13
CA VAL B 207 29.56 -6.37 -13.71
C VAL B 207 28.98 -7.53 -12.91
N MET B 208 27.70 -7.84 -13.10
CA MET B 208 27.12 -8.95 -12.36
C MET B 208 27.78 -10.27 -12.78
N ARG B 209 27.94 -10.48 -14.08
CA ARG B 209 28.65 -11.65 -14.60
C ARG B 209 30.02 -11.82 -13.95
N ALA B 210 30.78 -10.73 -13.85
CA ALA B 210 32.13 -10.78 -13.29
C ALA B 210 32.13 -11.00 -11.77
N ASP B 211 31.20 -10.34 -11.09
CA ASP B 211 31.20 -10.36 -9.63
C ASP B 211 30.26 -11.38 -9.02
N ALA B 212 29.58 -12.18 -9.85
CA ALA B 212 28.56 -13.10 -9.36
C ALA B 212 29.06 -14.04 -8.27
N ARG B 213 30.24 -14.62 -8.46
CA ARG B 213 30.74 -15.55 -7.44
C ARG B 213 30.83 -14.84 -6.09
N SER B 214 31.34 -13.61 -6.05
CA SER B 214 31.48 -12.91 -4.76
C SER B 214 30.12 -12.62 -4.11
N VAL B 215 29.11 -12.30 -4.92
CA VAL B 215 27.76 -12.07 -4.42
C VAL B 215 27.15 -13.37 -3.89
N TYR B 216 27.29 -14.45 -4.66
CA TYR B 216 26.77 -15.74 -4.26
C TYR B 216 27.35 -16.18 -2.91
N GLU B 217 28.66 -16.01 -2.74
CA GLU B 217 29.35 -16.37 -1.51
C GLU B 217 28.92 -15.52 -0.30
N ALA B 218 28.35 -14.35 -0.54
CA ALA B 218 27.84 -13.47 0.51
C ALA B 218 26.61 -14.06 1.23
N ASP B 219 25.93 -14.99 0.58
CA ASP B 219 24.75 -15.62 1.17
C ASP B 219 25.15 -16.90 1.88
N PRO B 220 25.15 -16.90 3.23
CA PRO B 220 25.65 -18.07 3.95
C PRO B 220 24.81 -19.33 3.70
N THR B 221 23.57 -19.15 3.22
CA THR B 221 22.72 -20.30 2.96
C THR B 221 22.85 -20.85 1.56
N GLY B 222 23.47 -20.07 0.67
CA GLY B 222 23.62 -20.45 -0.72
C GLY B 222 22.33 -20.38 -1.52
N ASN B 223 21.27 -19.85 -0.91
CA ASN B 223 19.98 -19.81 -1.56
C ASN B 223 19.73 -18.49 -2.28
N LEU B 224 20.44 -18.33 -3.39
CA LEU B 224 20.49 -17.08 -4.10
C LEU B 224 20.53 -17.37 -5.58
N LEU B 225 19.68 -16.66 -6.32
CA LEU B 225 19.53 -16.78 -7.77
C LEU B 225 19.90 -15.45 -8.39
N PHE B 226 20.65 -15.48 -9.48
CA PHE B 226 20.87 -14.28 -10.29
C PHE B 226 19.79 -14.16 -11.33
N SER B 227 19.49 -12.91 -11.70
CA SER B 227 18.50 -12.68 -12.74
C SER B 227 19.01 -11.66 -13.74
N ILE B 228 18.95 -12.05 -15.01
CA ILE B 228 19.28 -11.13 -16.09
C ILE B 228 17.99 -10.65 -16.76
N HIS B 229 17.94 -9.38 -17.15
CA HIS B 229 16.82 -8.88 -17.94
C HIS B 229 17.33 -8.67 -19.34
N MET B 230 16.66 -9.29 -20.31
CA MET B 230 17.16 -9.28 -21.66
C MET B 230 16.27 -8.49 -22.60
N TYR B 231 16.72 -7.28 -22.93
CA TYR B 231 16.05 -6.46 -23.92
C TYR B 231 16.98 -6.18 -25.09
N SER B 232 17.05 -4.94 -25.59
CA SER B 232 17.79 -4.75 -26.85
C SER B 232 19.30 -4.87 -26.77
N VAL B 233 19.87 -4.95 -25.56
CA VAL B 233 21.27 -5.34 -25.46
C VAL B 233 21.46 -6.75 -26.01
N PHE B 234 20.44 -7.59 -25.83
CA PHE B 234 20.53 -8.99 -26.24
C PHE B 234 19.83 -9.22 -27.58
N ASP B 235 20.41 -8.63 -28.62
CA ASP B 235 19.82 -8.68 -29.95
C ASP B 235 20.52 -9.66 -30.89
N THR B 236 21.50 -10.40 -30.39
CA THR B 236 22.11 -11.44 -31.23
C THR B 236 22.16 -12.74 -30.47
N ALA B 237 22.09 -13.85 -31.22
CA ALA B 237 22.06 -15.16 -30.61
C ALA B 237 23.34 -15.45 -29.82
N ALA B 238 24.49 -15.07 -30.38
CA ALA B 238 25.76 -15.32 -29.71
C ALA B 238 25.86 -14.66 -28.35
N GLU B 239 25.38 -13.42 -28.24
CA GLU B 239 25.41 -12.69 -26.97
C GLU B 239 24.56 -13.38 -25.91
N ILE B 240 23.38 -13.82 -26.30
CA ILE B 240 22.48 -14.53 -25.39
C ILE B 240 23.11 -15.85 -24.92
N ASP B 241 23.49 -16.71 -25.86
CA ASP B 241 24.11 -17.98 -25.51
C ASP B 241 25.34 -17.79 -24.62
N ASP B 242 26.18 -16.83 -24.96
CA ASP B 242 27.41 -16.62 -24.19
C ASP B 242 27.12 -16.16 -22.77
N TYR B 243 26.17 -15.25 -22.60
CA TYR B 243 25.80 -14.76 -21.28
C TYR B 243 25.25 -15.89 -20.39
N LEU B 244 24.26 -16.63 -20.91
CA LEU B 244 23.62 -17.69 -20.14
C LEU B 244 24.63 -18.77 -19.80
N GLU B 245 25.44 -19.16 -20.78
CA GLU B 245 26.43 -20.22 -20.55
C GLU B 245 27.53 -19.81 -19.54
N ALA B 246 27.84 -18.52 -19.46
CA ALA B 246 28.81 -18.06 -18.49
C ALA B 246 28.37 -18.42 -17.08
N PHE B 247 27.09 -18.21 -16.77
CA PHE B 247 26.59 -18.58 -15.44
C PHE B 247 26.53 -20.10 -15.27
N VAL B 248 25.95 -20.78 -16.25
CA VAL B 248 25.81 -22.23 -16.16
C VAL B 248 27.18 -22.90 -15.95
N ASP B 249 28.16 -22.50 -16.75
CA ASP B 249 29.49 -23.09 -16.70
C ASP B 249 30.26 -22.77 -15.42
N ALA B 250 29.82 -21.70 -14.72
CA ALA B 250 30.41 -21.35 -13.44
C ALA B 250 29.68 -22.03 -12.30
N GLY B 251 28.63 -22.78 -12.60
CA GLY B 251 27.86 -23.47 -11.59
C GLY B 251 26.97 -22.55 -10.79
N LEU B 252 26.65 -21.39 -11.36
CA LEU B 252 25.81 -20.40 -10.70
C LEU B 252 24.41 -20.36 -11.30
N PRO B 253 23.40 -20.26 -10.43
CA PRO B 253 22.03 -20.29 -10.93
C PRO B 253 21.60 -18.95 -11.54
N LEU B 254 20.83 -19.02 -12.62
CA LEU B 254 20.41 -17.83 -13.35
C LEU B 254 18.98 -18.02 -13.87
N VAL B 255 18.20 -16.95 -13.78
CA VAL B 255 16.89 -16.88 -14.46
C VAL B 255 16.91 -15.66 -15.35
N ILE B 256 16.08 -15.67 -16.38
CA ILE B 256 15.85 -14.48 -17.18
C ILE B 256 14.60 -13.85 -16.59
N GLY B 257 14.78 -13.01 -15.57
CA GLY B 257 13.67 -12.46 -14.81
C GLY B 257 12.76 -11.48 -15.55
N GLU B 258 13.28 -10.89 -16.63
CA GLU B 258 12.46 -10.11 -17.57
C GLU B 258 13.07 -10.30 -18.92
N PHE B 259 12.23 -10.29 -19.95
CA PHE B 259 12.76 -10.16 -21.31
C PHE B 259 11.69 -9.62 -22.23
N GLY B 260 12.17 -9.11 -23.38
CA GLY B 260 11.34 -8.74 -24.51
C GLY B 260 11.78 -9.59 -25.69
N GLY B 261 11.25 -9.38 -26.88
CA GLY B 261 10.26 -8.36 -27.10
C GLY B 261 10.33 -7.82 -28.52
N PRO B 262 9.31 -7.07 -28.88
CA PRO B 262 9.39 -6.29 -30.11
C PRO B 262 10.55 -5.29 -30.06
N PRO B 263 11.03 -4.88 -31.23
CA PRO B 263 12.16 -3.96 -31.31
C PRO B 263 11.86 -2.65 -30.63
N ASP B 264 12.90 -2.02 -30.09
CA ASP B 264 12.78 -0.62 -29.73
C ASP B 264 13.73 0.21 -30.57
N GLN B 265 13.93 1.46 -30.20
CA GLN B 265 14.80 2.32 -30.99
C GLN B 265 16.23 1.81 -30.97
N TRP B 266 16.59 1.04 -29.94
CA TRP B 266 17.97 0.61 -29.75
C TRP B 266 18.29 -0.75 -30.36
N GLY B 267 17.29 -1.53 -30.71
CA GLY B 267 17.56 -2.84 -31.28
C GLY B 267 16.42 -3.79 -31.08
N ASP B 268 16.60 -5.02 -31.56
CA ASP B 268 15.53 -6.00 -31.54
C ASP B 268 15.95 -7.18 -30.68
N PRO B 269 15.37 -7.28 -29.48
CA PRO B 269 15.68 -8.42 -28.60
C PRO B 269 15.40 -9.75 -29.31
N ASP B 270 16.30 -10.71 -29.21
CA ASP B 270 16.15 -11.97 -29.93
C ASP B 270 15.45 -12.96 -29.01
N GLU B 271 14.15 -12.79 -28.85
CA GLU B 271 13.42 -13.65 -27.91
C GLU B 271 13.42 -15.13 -28.36
N ASP B 272 13.47 -15.39 -29.67
CA ASP B 272 13.54 -16.78 -30.12
C ASP B 272 14.75 -17.51 -29.52
N THR B 273 15.91 -16.86 -29.53
CA THR B 273 17.13 -17.48 -28.99
C THR B 273 17.06 -17.59 -27.47
N MET B 274 16.53 -16.54 -26.82
CA MET B 274 16.33 -16.59 -25.37
C MET B 274 15.50 -17.80 -24.95
N LEU B 275 14.35 -17.97 -25.60
CA LEU B 275 13.46 -19.08 -25.29
C LEU B 275 14.10 -20.44 -25.56
N ALA B 276 14.75 -20.56 -26.71
CA ALA B 276 15.42 -21.81 -27.08
C ALA B 276 16.56 -22.14 -26.11
N ALA B 277 17.37 -21.13 -25.78
CA ALA B 277 18.50 -21.32 -24.87
C ALA B 277 18.04 -21.63 -23.44
N ALA B 278 16.96 -20.98 -23.02
CA ALA B 278 16.38 -21.28 -21.71
C ALA B 278 15.84 -22.70 -21.64
N GLU B 279 15.28 -23.20 -22.74
CA GLU B 279 14.86 -24.58 -22.80
C GLU B 279 16.07 -25.52 -22.80
N ARG B 280 17.07 -25.20 -23.61
CA ARG B 280 18.23 -26.08 -23.76
C ARG B 280 18.95 -26.22 -22.42
N LEU B 281 19.16 -25.09 -21.74
CA LEU B 281 19.90 -25.06 -20.48
C LEU B 281 19.00 -25.26 -19.26
N ARG B 282 17.69 -25.35 -19.51
CA ARG B 282 16.67 -25.48 -18.46
C ARG B 282 16.82 -24.39 -17.41
N LEU B 283 16.79 -23.14 -17.89
CA LEU B 283 16.85 -21.97 -17.02
C LEU B 283 15.47 -21.34 -17.00
N GLY B 284 15.08 -20.76 -15.86
CA GLY B 284 13.80 -20.09 -15.75
C GLY B 284 13.71 -18.82 -16.60
N TYR B 285 12.49 -18.47 -17.01
CA TYR B 285 12.24 -17.17 -17.66
C TYR B 285 10.89 -16.61 -17.27
N LEU B 286 10.79 -15.28 -17.30
CA LEU B 286 9.59 -14.55 -16.94
C LEU B 286 9.48 -13.38 -17.91
N ALA B 287 8.52 -13.43 -18.80
CA ALA B 287 8.38 -12.39 -19.83
C ALA B 287 7.83 -11.11 -19.21
N TRP B 288 8.21 -9.96 -19.76
CA TRP B 288 7.59 -8.70 -19.37
C TRP B 288 6.65 -8.24 -20.49
N SER B 289 5.38 -7.94 -20.21
CA SER B 289 4.68 -8.16 -18.94
C SER B 289 3.20 -8.43 -19.27
N TRP B 290 2.43 -8.85 -18.27
CA TRP B 290 1.05 -9.28 -18.52
C TRP B 290 0.23 -8.21 -19.24
N SER B 291 0.13 -7.02 -18.66
CA SER B 291 -0.56 -5.93 -19.32
C SER B 291 -0.33 -4.62 -18.60
N GLY B 292 -0.66 -3.53 -19.27
CA GLY B 292 -0.68 -2.22 -18.64
C GLY B 292 0.55 -1.35 -18.79
N ASN B 293 1.47 -1.69 -19.68
CA ASN B 293 2.62 -0.82 -19.95
C ASN B 293 2.23 0.52 -20.56
N THR B 294 2.91 1.58 -20.16
CA THR B 294 2.63 2.90 -20.75
C THR B 294 2.76 2.84 -22.27
N ASP B 295 3.83 2.20 -22.72
CA ASP B 295 3.95 1.83 -24.13
C ASP B 295 3.47 0.38 -24.25
N PRO B 296 2.30 0.18 -24.87
CA PRO B 296 1.65 -1.14 -24.88
C PRO B 296 2.37 -2.22 -25.68
N VAL B 297 3.48 -1.89 -26.33
CA VAL B 297 4.19 -2.86 -27.16
C VAL B 297 4.59 -4.13 -26.37
N LEU B 298 4.86 -3.99 -25.07
CA LEU B 298 5.24 -5.16 -24.27
C LEU B 298 4.09 -5.84 -23.54
N ASP B 299 2.88 -5.37 -23.76
CA ASP B 299 1.72 -6.03 -23.15
C ASP B 299 1.47 -7.39 -23.80
N LEU B 300 1.54 -8.46 -23.01
CA LEU B 300 1.24 -9.80 -23.52
C LEU B 300 -0.24 -9.94 -23.80
N ALA B 301 -1.06 -9.48 -22.86
CA ALA B 301 -2.52 -9.45 -23.01
C ALA B 301 -2.95 -8.00 -23.19
N ILE B 302 -3.92 -7.80 -24.07
CA ILE B 302 -4.40 -6.44 -24.31
C ILE B 302 -5.52 -6.09 -23.33
N GLY B 303 -5.33 -4.99 -22.59
CA GLY B 303 -6.34 -4.53 -21.64
C GLY B 303 -6.69 -5.59 -20.59
N PHE B 304 -5.68 -6.36 -20.18
CA PHE B 304 -5.83 -7.42 -19.18
C PHE B 304 -6.84 -8.51 -19.58
N ASP B 305 -7.12 -8.64 -20.88
CA ASP B 305 -8.04 -9.65 -21.35
C ASP B 305 -7.24 -10.84 -21.83
N PRO B 306 -7.35 -11.99 -21.14
CA PRO B 306 -6.45 -13.11 -21.45
C PRO B 306 -6.75 -13.77 -22.78
N ASP B 307 -7.95 -13.50 -23.31
CA ASP B 307 -8.34 -14.03 -24.61
C ASP B 307 -7.77 -13.19 -25.75
N ARG B 308 -7.34 -11.98 -25.42
CA ARG B 308 -6.85 -11.05 -26.45
C ARG B 308 -5.34 -10.85 -26.31
N LEU B 309 -4.58 -11.84 -26.77
CA LEU B 309 -3.14 -11.74 -26.69
C LEU B 309 -2.57 -11.00 -27.89
N SER B 310 -1.59 -10.14 -27.62
CA SER B 310 -0.87 -9.45 -28.68
C SER B 310 0.00 -10.48 -29.41
N GLY B 311 0.60 -10.06 -30.54
CA GLY B 311 1.60 -10.89 -31.19
C GLY B 311 2.66 -11.39 -30.22
N TRP B 312 3.14 -10.49 -29.37
CA TRP B 312 4.09 -10.80 -28.30
C TRP B 312 3.55 -11.83 -27.29
N GLY B 313 2.33 -11.63 -26.81
CA GLY B 313 1.69 -12.60 -25.93
C GLY B 313 1.53 -13.97 -26.60
N GLN B 314 1.13 -13.97 -27.86
CA GLN B 314 1.01 -15.23 -28.59
C GLN B 314 2.37 -15.94 -28.69
N ARG B 315 3.44 -15.19 -28.96
CA ARG B 315 4.77 -15.79 -29.04
C ARG B 315 5.15 -16.46 -27.74
N VAL B 316 4.97 -15.75 -26.64
CA VAL B 316 5.43 -16.23 -25.32
C VAL B 316 4.59 -17.38 -24.80
N PHE B 317 3.26 -17.26 -24.91
CA PHE B 317 2.38 -18.29 -24.38
C PHE B 317 2.22 -19.49 -25.30
N HIS B 318 2.13 -19.26 -26.61
CA HIS B 318 1.77 -20.33 -27.54
C HIS B 318 2.86 -20.75 -28.51
N GLY B 319 3.96 -20.01 -28.57
CA GLY B 319 5.02 -20.30 -29.53
C GLY B 319 5.99 -21.39 -29.12
N VAL B 320 6.93 -21.71 -30.00
CA VAL B 320 7.90 -22.76 -29.73
C VAL B 320 8.74 -22.38 -28.50
N HIS B 321 9.02 -23.36 -27.63
CA HIS B 321 9.74 -23.12 -26.37
C HIS B 321 9.00 -22.19 -25.42
N GLY B 322 7.72 -21.93 -25.70
CA GLY B 322 6.93 -21.01 -24.88
C GLY B 322 6.30 -21.63 -23.64
N ILE B 323 5.46 -20.85 -22.97
CA ILE B 323 4.95 -21.24 -21.67
C ILE B 323 4.03 -22.45 -21.79
N GLY B 324 3.08 -22.41 -22.72
CA GLY B 324 2.18 -23.53 -22.90
C GLY B 324 2.93 -24.83 -23.18
N GLU B 325 4.01 -24.74 -23.96
CA GLU B 325 4.79 -25.92 -24.33
C GLU B 325 5.64 -26.48 -23.21
N THR B 326 6.19 -25.63 -22.36
CA THR B 326 7.29 -26.04 -21.49
C THR B 326 7.06 -25.87 -20.00
N SER B 327 5.97 -25.21 -19.61
CA SER B 327 5.75 -24.92 -18.19
C SER B 327 5.20 -26.11 -17.41
N ARG B 328 5.85 -26.44 -16.30
N ARG B 328 5.83 -26.40 -16.28
CA ARG B 328 5.39 -27.49 -15.41
CA ARG B 328 5.41 -27.49 -15.41
C ARG B 328 5.08 -26.90 -14.04
C ARG B 328 5.11 -26.92 -14.03
N GLU B 329 3.94 -27.25 -13.48
CA GLU B 329 3.52 -26.74 -12.17
C GLU B 329 4.52 -27.11 -11.08
N ALA B 330 4.73 -26.23 -10.10
CA ALA B 330 5.57 -26.59 -8.95
C ALA B 330 4.96 -27.77 -8.22
N THR B 331 5.81 -28.72 -7.83
CA THR B 331 5.29 -29.94 -7.20
C THR B 331 4.74 -29.72 -5.79
N VAL B 332 5.10 -28.61 -5.15
CA VAL B 332 4.65 -28.37 -3.79
C VAL B 332 3.12 -28.30 -3.74
N PHE B 333 2.51 -27.85 -4.84
CA PHE B 333 1.05 -27.69 -4.85
C PHE B 333 0.29 -29.00 -4.91
N GLY B 334 0.81 -29.94 -5.68
CA GLY B 334 0.27 -31.28 -5.72
C GLY B 334 0.70 -32.02 -4.48
NA NA C . -11.17 29.04 20.76
NA NA D . -18.37 19.54 11.32
C1 GOL E . -17.21 26.30 15.61
O1 GOL E . -17.18 26.39 17.03
C2 GOL E . -15.90 26.72 14.96
O2 GOL E . -14.81 26.88 15.88
C3 GOL E . -16.12 27.89 13.99
O3 GOL E . -15.81 29.14 14.55
C1 GOL F . -3.93 19.37 29.97
O1 GOL F . -3.37 18.14 30.35
C2 GOL F . -5.43 19.31 30.13
O2 GOL F . -5.86 17.97 30.05
C3 GOL F . -5.77 19.89 31.50
O3 GOL F . -7.04 20.49 31.46
NA NA G . 12.35 -9.38 -31.02
NA NA H . 12.59 -3.51 -17.11
C1 GOL I . 9.96 -3.25 -26.27
O1 GOL I . 10.41 -2.58 -27.42
C2 GOL I . 11.10 -4.10 -25.70
O2 GOL I . 11.25 -5.32 -26.40
C3 GOL I . 12.35 -3.25 -25.72
O3 GOL I . 13.49 -4.07 -25.88
C1 GOL J . 19.39 -23.02 -28.35
O1 GOL J . 20.18 -23.96 -29.05
C2 GOL J . 20.02 -21.64 -28.52
O2 GOL J . 21.01 -21.52 -27.52
C3 GOL J . 20.69 -21.61 -29.90
O3 GOL J . 21.33 -20.38 -30.12
C1 GOL K . -6.77 -0.86 -13.67
O1 GOL K . -7.91 -0.98 -14.49
C2 GOL K . -7.19 -0.82 -12.21
O2 GOL K . -8.34 -1.59 -11.99
C3 GOL K . -6.07 -1.45 -11.42
O3 GOL K . -6.09 -0.96 -10.12
C1 GOL L . 6.22 2.40 -15.58
O1 GOL L . 7.33 1.71 -15.06
C2 GOL L . 5.47 3.11 -14.46
O2 GOL L . 5.97 4.43 -14.34
C3 GOL L . 3.99 3.15 -14.82
O3 GOL L . 3.37 4.15 -14.04
#